data_7G8L
#
_entry.id   7G8L
#
_cell.length_a   71.316
_cell.length_b   71.316
_cell.length_c   196.273
_cell.angle_alpha   90.000
_cell.angle_beta   90.000
_cell.angle_gamma   90.000
#
_symmetry.space_group_name_H-M   'P 43 21 2'
#
loop_
_entity.id
_entity.type
_entity.pdbx_description
1 polymer 'Transforming protein RhoA'
2 polymer 'Rho guanine nucleotide exchange factor 2'
3 non-polymer 1-(5-methyl-1,3,4-thiadiazol-2-yl)piperidine
4 non-polymer 'DIMETHYL SULFOXIDE'
5 non-polymer 'FORMIC ACID'
6 water water
#
loop_
_entity_poly.entity_id
_entity_poly.type
_entity_poly.pdbx_seq_one_letter_code
_entity_poly.pdbx_strand_id
1 'polypeptide(L)'
;SMAAIRKKLVIVGDGACGKTCLLIVFSKDQFPEVYVPTVFENYVADIEVDGKQVELALWDTAGQEDYDRLRPLSYPDTDV
ILMCFSIDSPDSLENIPEKWTPEVKHFCPNVPIILVGNKKDLRNDEHTRRELAKMKQEPVKPEEGRDMANRIGAFGYMEC
SAKTKDGVREVFEMATRAALQARRG
;
A
2 'polypeptide(L)'
;SMEMDEKDFAADSWSLAVDSSFLQQHKKEVMKQQDVIYELIQTELHHVRTLKIMTRLFRTGMLEELHLEPGVVQGLFPCV
DELSDIHTRFLSQLLERRRQALCPGSTRNFVIHRLGDLLISQFSGPSAEQMCKTYSEFCSRHSKALKLYKELYARDKRFQ
QFIRKVTRPAVLKRHGVQECILLVTQRITKYPLLISRILQHSHGIEEERQDLTTALGLVKELLSNVDEGIYQLEKGARLQ
EIYNR
;
B
#
# COMPACT_ATOMS: atom_id res chain seq x y z
N ALA A 4 -13.25 10.43 18.83
CA ALA A 4 -12.04 9.60 18.76
C ALA A 4 -10.91 10.40 18.11
N ILE A 5 -9.71 10.31 18.68
CA ILE A 5 -8.56 11.00 18.12
C ILE A 5 -7.99 10.13 17.01
N ARG A 6 -7.45 10.75 15.95
CA ARG A 6 -6.87 10.01 14.84
C ARG A 6 -5.35 9.90 15.01
N LYS A 7 -4.79 8.69 14.90
CA LYS A 7 -3.36 8.45 14.99
C LYS A 7 -2.91 7.63 13.79
N LYS A 8 -1.63 7.75 13.42
CA LYS A 8 -1.11 7.05 12.26
C LYS A 8 0.02 6.10 12.67
N LEU A 9 -0.06 4.86 12.17
CA LEU A 9 0.90 3.78 12.42
C LEU A 9 1.52 3.37 11.10
N VAL A 10 2.85 3.17 11.08
CA VAL A 10 3.54 2.68 9.90
C VAL A 10 4.41 1.50 10.32
N ILE A 11 4.37 0.38 9.54
CA ILE A 11 5.22 -0.75 9.86
CA ILE A 11 5.23 -0.76 9.85
C ILE A 11 6.40 -0.80 8.89
N VAL A 12 7.61 -0.98 9.45
CA VAL A 12 8.82 -1.07 8.63
CA VAL A 12 8.85 -1.01 8.70
C VAL A 12 9.58 -2.38 8.93
N GLY A 13 10.50 -2.73 8.05
CA GLY A 13 11.28 -3.96 8.20
C GLY A 13 11.59 -4.59 6.85
N ASP A 14 12.46 -5.60 6.86
CA ASP A 14 12.88 -6.25 5.63
C ASP A 14 11.72 -6.96 4.92
N GLY A 15 11.92 -7.17 3.61
CA GLY A 15 10.93 -7.81 2.76
C GLY A 15 10.29 -9.09 3.29
N ALA A 16 11.06 -9.98 3.94
CA ALA A 16 10.47 -11.24 4.43
C ALA A 16 10.16 -11.23 5.94
N CYS A 17 9.85 -10.06 6.51
CA CYS A 17 9.64 -9.94 7.95
C CYS A 17 8.21 -10.24 8.41
N GLY A 18 7.26 -10.38 7.50
CA GLY A 18 5.86 -10.67 7.85
C GLY A 18 5.00 -9.45 8.18
N LYS A 19 5.45 -8.23 7.82
CA LYS A 19 4.68 -7.02 8.12
CA LYS A 19 4.67 -7.01 8.12
C LYS A 19 3.31 -6.99 7.43
N THR A 20 3.24 -7.40 6.15
CA THR A 20 1.96 -7.38 5.42
C THR A 20 0.96 -8.35 6.09
N CYS A 21 1.40 -9.57 6.36
CA CYS A 21 0.58 -10.59 7.01
C CYS A 21 0.06 -10.14 8.36
N LEU A 22 0.90 -9.43 9.13
CA LEU A 22 0.49 -8.92 10.43
C LEU A 22 -0.65 -7.87 10.30
N LEU A 23 -0.52 -6.90 9.36
CA LEU A 23 -1.60 -5.91 9.14
C LEU A 23 -2.91 -6.59 8.67
N ILE A 24 -2.78 -7.59 7.78
CA ILE A 24 -3.96 -8.29 7.24
C ILE A 24 -4.71 -9.01 8.35
N VAL A 25 -4.00 -9.80 9.17
CA VAL A 25 -4.65 -10.55 10.24
C VAL A 25 -5.30 -9.63 11.27
N PHE A 26 -4.62 -8.52 11.64
CA PHE A 26 -5.19 -7.61 12.61
C PHE A 26 -6.47 -6.95 12.06
N SER A 27 -6.40 -6.44 10.82
CA SER A 27 -7.50 -5.73 10.21
C SER A 27 -8.69 -6.56 9.79
N LYS A 28 -8.47 -7.81 9.32
CA LYS A 28 -9.60 -8.63 8.82
C LYS A 28 -10.55 -9.09 9.90
N ASP A 29 -11.87 -9.06 9.61
CA ASP A 29 -12.93 -9.49 10.53
C ASP A 29 -12.82 -10.99 10.80
N GLN A 30 -12.60 -11.76 9.74
CA GLN A 30 -12.39 -13.20 9.87
C GLN A 30 -11.00 -13.57 9.34
N PHE A 31 -10.31 -14.49 10.01
CA PHE A 31 -8.98 -14.95 9.60
C PHE A 31 -8.99 -15.48 8.15
N PRO A 32 -7.98 -15.14 7.30
CA PRO A 32 -8.00 -15.62 5.91
C PRO A 32 -7.80 -17.13 5.73
N GLU A 33 -8.89 -17.85 5.65
CA GLU A 33 -8.87 -19.29 5.46
C GLU A 33 -8.85 -19.73 3.98
N VAL A 34 -9.15 -18.83 3.05
CA VAL A 34 -9.20 -19.18 1.63
C VAL A 34 -8.06 -18.54 0.80
N TYR A 35 -7.79 -17.27 1.03
CA TYR A 35 -6.73 -16.58 0.28
C TYR A 35 -6.07 -15.55 1.14
N VAL A 36 -4.73 -15.58 1.19
CA VAL A 36 -3.99 -14.57 1.92
C VAL A 36 -3.55 -13.49 0.91
N PRO A 37 -4.05 -12.26 1.05
CA PRO A 37 -3.64 -11.20 0.12
C PRO A 37 -2.13 -10.98 -0.02
N THR A 38 -1.73 -10.63 -1.24
CA THR A 38 -0.35 -10.30 -1.55
C THR A 38 0.00 -8.92 -0.97
N VAL A 39 -0.94 -7.96 -1.07
CA VAL A 39 -0.68 -6.60 -0.62
C VAL A 39 -1.73 -6.11 0.38
N PHE A 40 -1.39 -4.99 1.06
CA PHE A 40 -2.26 -4.32 2.00
C PHE A 40 -2.38 -2.84 1.51
N GLU A 41 -3.60 -2.32 1.33
CA GLU A 41 -3.76 -0.92 0.86
C GLU A 41 -3.60 0.06 2.06
N ASN A 42 -4.63 0.13 2.91
CA ASN A 42 -4.61 0.85 4.19
C ASN A 42 -5.83 0.39 4.99
N TYR A 43 -5.97 0.90 6.21
CA TYR A 43 -7.09 0.54 7.07
C TYR A 43 -7.15 1.55 8.19
N VAL A 44 -8.34 1.80 8.72
CA VAL A 44 -8.47 2.68 9.88
C VAL A 44 -9.19 1.86 10.94
N ALA A 45 -8.44 1.38 11.95
CA ALA A 45 -8.98 0.52 13.00
C ALA A 45 -9.62 1.33 14.13
N ASP A 46 -10.77 0.90 14.64
CA ASP A 46 -11.39 1.52 15.79
C ASP A 46 -10.84 0.75 16.98
N ILE A 47 -10.06 1.41 17.82
CA ILE A 47 -9.43 0.76 18.97
CA ILE A 47 -9.47 0.74 18.97
C ILE A 47 -9.79 1.50 20.26
N GLU A 48 -10.11 0.78 21.33
CA GLU A 48 -10.37 1.39 22.63
CA GLU A 48 -10.38 1.38 22.62
C GLU A 48 -9.33 0.82 23.56
N VAL A 49 -8.40 1.66 24.03
CA VAL A 49 -7.32 1.17 24.89
C VAL A 49 -7.26 2.00 26.15
N ASP A 50 -7.36 1.32 27.32
CA ASP A 50 -7.32 1.97 28.62
C ASP A 50 -8.37 3.10 28.74
N GLY A 51 -9.58 2.86 28.22
CA GLY A 51 -10.67 3.81 28.27
C GLY A 51 -10.65 4.91 27.23
N LYS A 52 -9.63 4.93 26.34
CA LYS A 52 -9.53 5.96 25.31
C LYS A 52 -9.85 5.41 23.92
N GLN A 53 -10.70 6.12 23.16
CA GLN A 53 -11.07 5.68 21.82
CA GLN A 53 -11.07 5.67 21.83
C GLN A 53 -10.20 6.35 20.78
N VAL A 54 -9.58 5.55 19.90
CA VAL A 54 -8.70 6.07 18.86
C VAL A 54 -9.05 5.50 17.47
N GLU A 55 -8.92 6.32 16.40
CA GLU A 55 -9.01 5.84 15.03
C GLU A 55 -7.53 5.66 14.62
N LEU A 56 -7.07 4.42 14.45
CA LEU A 56 -5.67 4.16 14.15
C LEU A 56 -5.51 3.79 12.68
N ALA A 57 -4.95 4.69 11.87
CA ALA A 57 -4.71 4.45 10.45
C ALA A 57 -3.45 3.57 10.31
N LEU A 58 -3.55 2.49 9.56
CA LEU A 58 -2.47 1.51 9.39
C LEU A 58 -1.86 1.55 7.99
N TRP A 59 -0.52 1.60 7.90
CA TRP A 59 0.18 1.64 6.62
C TRP A 59 1.35 0.65 6.59
N ASP A 60 1.61 0.07 5.43
CA ASP A 60 2.68 -0.88 5.15
C ASP A 60 3.73 -0.18 4.25
N THR A 61 5.00 -0.57 4.40
CA THR A 61 6.09 -0.12 3.53
C THR A 61 6.52 -1.27 2.56
N ALA A 62 5.82 -2.41 2.54
CA ALA A 62 6.16 -3.52 1.64
C ALA A 62 6.14 -3.03 0.16
N GLY A 63 7.19 -3.38 -0.56
CA GLY A 63 7.38 -2.94 -1.93
C GLY A 63 8.30 -1.73 -2.03
N GLN A 64 8.47 -0.98 -0.92
CA GLN A 64 9.31 0.23 -0.95
C GLN A 64 10.74 0.03 -0.45
N GLU A 65 11.12 -1.19 -0.05
CA GLU A 65 12.44 -1.48 0.52
C GLU A 65 13.62 -1.10 -0.40
N ASP A 66 13.47 -1.23 -1.73
CA ASP A 66 14.59 -0.91 -2.66
C ASP A 66 14.59 0.54 -3.19
N TYR A 67 13.58 1.34 -2.80
CA TYR A 67 13.35 2.69 -3.36
C TYR A 67 13.49 3.74 -2.28
N ASP A 68 14.71 4.27 -2.14
CA ASP A 68 15.09 5.17 -1.03
C ASP A 68 14.48 6.57 -1.09
N ARG A 69 13.96 6.98 -2.24
CA ARG A 69 13.29 8.28 -2.33
C ARG A 69 11.75 8.14 -2.28
N LEU A 70 11.20 6.97 -2.68
CA LEU A 70 9.75 6.78 -2.57
C LEU A 70 9.40 6.43 -1.12
N ARG A 71 10.19 5.53 -0.49
CA ARG A 71 9.90 5.00 0.84
C ARG A 71 9.63 6.05 1.92
N PRO A 72 10.45 7.12 2.04
CA PRO A 72 10.20 8.14 3.09
C PRO A 72 8.88 8.90 2.97
N LEU A 73 8.25 8.86 1.78
CA LEU A 73 6.93 9.49 1.61
C LEU A 73 5.83 8.81 2.47
N SER A 74 6.11 7.59 3.00
CA SER A 74 5.20 6.92 3.89
C SER A 74 5.26 7.52 5.32
N TYR A 75 6.36 8.22 5.69
CA TYR A 75 6.58 8.68 7.07
C TYR A 75 5.88 9.97 7.58
N PRO A 76 5.50 10.98 6.74
CA PRO A 76 4.88 12.19 7.33
C PRO A 76 3.77 11.96 8.36
N ASP A 77 3.89 12.67 9.50
CA ASP A 77 2.97 12.66 10.61
C ASP A 77 2.69 11.30 11.20
N THR A 78 3.68 10.40 11.17
CA THR A 78 3.52 9.11 11.82
C THR A 78 3.54 9.34 13.35
N ASP A 79 2.65 8.66 14.09
CA ASP A 79 2.52 8.71 15.54
C ASP A 79 3.20 7.53 16.25
N VAL A 80 3.29 6.37 15.57
CA VAL A 80 3.94 5.19 16.15
C VAL A 80 4.51 4.33 15.02
N ILE A 81 5.72 3.82 15.24
CA ILE A 81 6.37 2.92 14.30
C ILE A 81 6.42 1.50 14.85
N LEU A 82 5.99 0.50 14.06
CA LEU A 82 6.25 -0.89 14.41
C LEU A 82 7.45 -1.27 13.55
N MET A 83 8.54 -1.68 14.18
CA MET A 83 9.75 -2.06 13.44
CA MET A 83 9.79 -2.05 13.51
C MET A 83 9.87 -3.57 13.58
N CYS A 84 9.64 -4.25 12.46
CA CYS A 84 9.54 -5.67 12.42
CA CYS A 84 9.55 -5.70 12.43
C CYS A 84 10.79 -6.45 11.96
N PHE A 85 10.93 -7.66 12.46
CA PHE A 85 11.92 -8.66 12.04
C PHE A 85 11.21 -10.00 12.20
N SER A 86 11.69 -11.03 11.51
CA SER A 86 11.12 -12.34 11.63
C SER A 86 12.03 -13.15 12.56
N ILE A 87 11.43 -13.87 13.51
CA ILE A 87 12.17 -14.72 14.44
C ILE A 87 12.89 -15.88 13.70
N ASP A 88 12.37 -16.33 12.55
CA ASP A 88 13.05 -17.35 11.72
C ASP A 88 14.19 -16.76 10.86
N SER A 89 14.48 -15.46 10.99
CA SER A 89 15.51 -14.81 10.18
C SER A 89 16.45 -13.96 11.03
N PRO A 90 17.48 -14.57 11.65
CA PRO A 90 18.45 -13.77 12.42
C PRO A 90 19.08 -12.61 11.61
N ASP A 91 19.16 -12.74 10.26
CA ASP A 91 19.65 -11.68 9.36
C ASP A 91 18.70 -10.46 9.34
N SER A 92 17.38 -10.67 9.44
CA SER A 92 16.43 -9.56 9.51
C SER A 92 16.64 -8.74 10.81
N LEU A 93 17.13 -9.38 11.90
CA LEU A 93 17.39 -8.66 13.17
C LEU A 93 18.67 -7.81 13.06
N GLU A 94 19.69 -8.32 12.37
CA GLU A 94 20.96 -7.61 12.14
C GLU A 94 20.80 -6.28 11.33
N ASN A 95 19.83 -6.19 10.42
CA ASN A 95 19.57 -4.96 9.64
C ASN A 95 18.81 -3.86 10.43
N ILE A 96 18.29 -4.21 11.62
CA ILE A 96 17.56 -3.26 12.45
C ILE A 96 18.42 -2.06 12.88
N PRO A 97 19.60 -2.25 13.53
CA PRO A 97 20.37 -1.07 13.96
C PRO A 97 21.13 -0.37 12.84
N GLU A 98 21.56 -1.09 11.80
CA GLU A 98 22.35 -0.48 10.74
C GLU A 98 21.55 0.30 9.71
N LYS A 99 20.36 -0.17 9.34
CA LYS A 99 19.58 0.49 8.30
C LYS A 99 18.27 1.14 8.77
N TRP A 100 17.36 0.34 9.34
CA TRP A 100 16.05 0.85 9.71
C TRP A 100 16.04 1.86 10.82
N THR A 101 16.83 1.63 11.87
CA THR A 101 16.81 2.56 13.01
C THR A 101 17.28 3.98 12.63
N PRO A 102 18.45 4.18 11.99
CA PRO A 102 18.84 5.58 11.64
C PRO A 102 17.86 6.22 10.67
N GLU A 103 17.24 5.41 9.77
CA GLU A 103 16.26 5.97 8.84
C GLU A 103 15.01 6.52 9.57
N VAL A 104 14.43 5.69 10.45
CA VAL A 104 13.22 6.08 11.16
C VAL A 104 13.52 7.24 12.11
N LYS A 105 14.69 7.22 12.79
CA LYS A 105 15.00 8.32 13.70
C LYS A 105 15.17 9.65 12.95
N HIS A 106 15.59 9.59 11.68
CA HIS A 106 15.81 10.79 10.87
C HIS A 106 14.48 11.39 10.41
N PHE A 107 13.59 10.55 9.82
CA PHE A 107 12.31 11.01 9.27
C PHE A 107 11.18 11.10 10.31
N CYS A 108 11.32 10.42 11.46
CA CYS A 108 10.27 10.39 12.50
C CYS A 108 10.89 10.71 13.85
N PRO A 109 11.44 11.92 14.02
CA PRO A 109 12.10 12.23 15.28
C PRO A 109 11.11 12.20 16.45
N ASN A 110 11.53 11.61 17.55
CA ASN A 110 10.73 11.54 18.75
C ASN A 110 9.49 10.65 18.64
N VAL A 111 9.37 9.87 17.54
CA VAL A 111 8.23 8.97 17.41
C VAL A 111 8.57 7.66 18.09
N PRO A 112 7.68 7.11 18.95
CA PRO A 112 8.00 5.83 19.59
C PRO A 112 8.10 4.68 18.60
N ILE A 113 9.08 3.82 18.80
CA ILE A 113 9.31 2.63 18.00
C ILE A 113 9.04 1.41 18.87
N ILE A 114 8.21 0.50 18.39
CA ILE A 114 8.04 -0.77 19.09
C ILE A 114 8.75 -1.80 18.22
N LEU A 115 9.73 -2.53 18.78
CA LEU A 115 10.42 -3.58 18.03
C LEU A 115 9.56 -4.82 18.18
N VAL A 116 9.16 -5.40 17.05
CA VAL A 116 8.27 -6.57 17.01
C VAL A 116 8.93 -7.77 16.36
N GLY A 117 9.00 -8.87 17.10
CA GLY A 117 9.51 -10.13 16.59
C GLY A 117 8.32 -10.92 16.04
N ASN A 118 8.23 -11.04 14.71
CA ASN A 118 7.13 -11.74 14.03
C ASN A 118 7.39 -13.24 13.87
N LYS A 119 6.36 -14.03 13.50
CA LYS A 119 6.48 -15.47 13.26
C LYS A 119 7.06 -16.23 14.46
N LYS A 120 6.64 -15.85 15.67
CA LYS A 120 7.17 -16.50 16.88
C LYS A 120 6.91 -18.02 16.91
N ASP A 121 5.88 -18.49 16.17
CA ASP A 121 5.52 -19.90 16.07
C ASP A 121 6.65 -20.75 15.44
N LEU A 122 7.54 -20.13 14.67
CA LEU A 122 8.64 -20.83 14.01
C LEU A 122 9.85 -21.11 14.91
N ARG A 123 9.87 -20.54 16.13
CA ARG A 123 10.93 -20.77 17.10
C ARG A 123 11.01 -22.26 17.45
N ASN A 124 9.87 -22.97 17.47
CA ASN A 124 9.84 -24.40 17.78
C ASN A 124 9.35 -25.20 16.55
N ASP A 125 9.78 -24.80 15.36
CA ASP A 125 9.43 -25.48 14.13
C ASP A 125 10.67 -26.26 13.66
N GLU A 126 10.56 -27.59 13.55
CA GLU A 126 11.69 -28.41 13.20
C GLU A 126 12.25 -28.11 11.82
N HIS A 127 11.41 -27.85 10.81
CA HIS A 127 11.92 -27.50 9.49
C HIS A 127 12.76 -26.20 9.53
N THR A 128 12.27 -25.18 10.29
CA THR A 128 12.97 -23.91 10.47
C THR A 128 14.32 -24.13 11.15
N ARG A 129 14.35 -24.91 12.23
CA ARG A 129 15.59 -25.17 12.96
C ARG A 129 16.60 -25.94 12.09
N ARG A 130 16.13 -26.87 11.25
CA ARG A 130 17.02 -27.62 10.37
C ARG A 130 17.67 -26.69 9.33
N GLU A 131 16.85 -25.88 8.63
CA GLU A 131 17.34 -24.93 7.64
C GLU A 131 18.35 -23.93 8.19
N LEU A 132 18.06 -23.35 9.38
CA LEU A 132 18.97 -22.39 9.99
C LEU A 132 20.29 -23.01 10.44
N ALA A 133 20.25 -24.26 10.96
CA ALA A 133 21.45 -24.99 11.39
C ALA A 133 22.47 -25.22 10.27
N LYS A 134 22.02 -25.24 9.01
CA LYS A 134 22.92 -25.39 7.86
C LYS A 134 23.77 -24.12 7.62
N MET A 135 23.33 -22.95 8.13
CA MET A 135 24.06 -21.69 8.03
C MET A 135 24.68 -21.27 9.38
N LYS A 136 24.87 -22.24 10.32
CA LYS A 136 25.40 -22.00 11.66
C LYS A 136 24.52 -21.00 12.43
N GLN A 137 23.18 -21.10 12.23
CA GLN A 137 22.24 -20.18 12.86
C GLN A 137 21.12 -20.90 13.64
N GLU A 138 20.34 -20.13 14.41
CA GLU A 138 19.19 -20.65 15.13
C GLU A 138 18.10 -19.56 15.20
N PRO A 139 16.82 -19.91 15.46
CA PRO A 139 15.79 -18.86 15.58
C PRO A 139 16.17 -17.81 16.62
N VAL A 140 15.76 -16.55 16.41
CA VAL A 140 16.07 -15.46 17.33
C VAL A 140 15.53 -15.79 18.73
N LYS A 141 16.36 -15.64 19.74
CA LYS A 141 15.99 -15.91 21.13
C LYS A 141 15.27 -14.69 21.72
N PRO A 142 14.37 -14.88 22.70
CA PRO A 142 13.71 -13.70 23.33
C PRO A 142 14.69 -12.63 23.84
N GLU A 143 15.79 -13.05 24.48
CA GLU A 143 16.78 -12.08 25.01
C GLU A 143 17.50 -11.34 23.91
N GLU A 144 17.67 -11.95 22.71
CA GLU A 144 18.29 -11.23 21.62
C GLU A 144 17.36 -10.12 21.11
N GLY A 145 16.06 -10.39 21.07
CA GLY A 145 15.08 -9.39 20.67
C GLY A 145 15.03 -8.24 21.67
N ARG A 146 14.94 -8.55 22.98
CA ARG A 146 14.90 -7.53 24.04
C ARG A 146 16.17 -6.69 24.02
N ASP A 147 17.34 -7.35 23.92
CA ASP A 147 18.61 -6.61 23.86
C ASP A 147 18.70 -5.65 22.70
N MET A 148 18.21 -6.06 21.52
CA MET A 148 18.25 -5.18 20.34
C MET A 148 17.33 -3.97 20.59
N ALA A 149 16.13 -4.22 21.12
CA ALA A 149 15.17 -3.17 21.41
C ALA A 149 15.74 -2.16 22.41
N ASN A 150 16.42 -2.67 23.44
CA ASN A 150 17.06 -1.83 24.46
C ASN A 150 18.15 -0.96 23.79
N ARG A 151 19.02 -1.60 23.00
CA ARG A 151 20.10 -0.94 22.26
C ARG A 151 19.63 0.20 21.34
N ILE A 152 18.54 -0.02 20.58
CA ILE A 152 18.08 1.00 19.63
C ILE A 152 17.19 2.09 20.26
N GLY A 153 16.95 2.03 21.56
CA GLY A 153 16.11 3.02 22.22
C GLY A 153 14.64 2.85 21.90
N ALA A 154 14.20 1.60 21.69
CA ALA A 154 12.78 1.33 21.40
C ALA A 154 11.92 1.57 22.63
N PHE A 155 10.69 2.03 22.42
CA PHE A 155 9.68 2.18 23.47
C PHE A 155 9.46 0.83 24.19
N GLY A 156 9.53 -0.26 23.43
CA GLY A 156 9.38 -1.59 23.99
C GLY A 156 9.60 -2.69 22.97
N TYR A 157 9.63 -3.94 23.47
CA TYR A 157 9.79 -5.15 22.68
C TYR A 157 8.57 -6.06 22.83
N MET A 158 8.08 -6.59 21.70
CA MET A 158 6.91 -7.48 21.70
C MET A 158 7.08 -8.57 20.66
N GLU A 159 6.41 -9.71 20.85
CA GLU A 159 6.44 -10.82 19.87
C GLU A 159 5.01 -11.20 19.48
N CYS A 160 4.85 -11.75 18.28
CA CYS A 160 3.53 -12.20 17.84
C CYS A 160 3.66 -13.26 16.77
N SER A 161 2.52 -13.89 16.45
CA SER A 161 2.41 -14.84 15.37
C SER A 161 1.15 -14.50 14.56
N ALA A 162 1.30 -14.01 13.34
CA ALA A 162 0.16 -13.75 12.47
C ALA A 162 -0.60 -15.09 12.17
N LYS A 163 0.14 -16.19 12.03
CA LYS A 163 -0.44 -17.51 11.74
C LYS A 163 -1.46 -17.99 12.79
N THR A 164 -1.11 -17.90 14.08
CA THR A 164 -2.02 -18.32 15.15
C THR A 164 -2.82 -17.17 15.77
N LYS A 165 -2.49 -15.90 15.41
CA LYS A 165 -3.06 -14.65 15.95
C LYS A 165 -2.51 -14.31 17.36
N ASP A 166 -1.72 -15.20 18.00
CA ASP A 166 -1.21 -14.91 19.35
C ASP A 166 -0.34 -13.67 19.41
N GLY A 167 -0.72 -12.74 20.29
CA GLY A 167 0.04 -11.53 20.52
C GLY A 167 -0.29 -10.38 19.60
N VAL A 168 -1.09 -10.63 18.55
CA VAL A 168 -1.42 -9.62 17.55
C VAL A 168 -2.23 -8.49 18.12
N ARG A 169 -3.34 -8.79 18.82
CA ARG A 169 -4.14 -7.71 19.41
C ARG A 169 -3.30 -6.84 20.40
N GLU A 170 -2.46 -7.49 21.20
CA GLU A 170 -1.65 -6.80 22.21
C GLU A 170 -0.69 -5.81 21.57
N VAL A 171 -0.10 -6.19 20.41
CA VAL A 171 0.82 -5.32 19.67
C VAL A 171 0.10 -4.02 19.26
N PHE A 172 -1.10 -4.13 18.65
CA PHE A 172 -1.79 -2.93 18.18
C PHE A 172 -2.34 -2.10 19.34
N GLU A 173 -2.78 -2.75 20.44
CA GLU A 173 -3.27 -1.99 21.60
C GLU A 173 -2.10 -1.20 22.23
N MET A 174 -0.91 -1.83 22.31
CA MET A 174 0.28 -1.14 22.86
C MET A 174 0.70 0.00 21.92
N ALA A 175 0.66 -0.24 20.59
CA ALA A 175 1.01 0.81 19.62
C ALA A 175 0.08 2.03 19.78
N THR A 176 -1.19 1.80 20.12
CA THR A 176 -2.15 2.89 20.31
C THR A 176 -1.76 3.69 21.56
N ARG A 177 -1.45 2.96 22.64
CA ARG A 177 -0.97 3.60 23.88
C ARG A 177 0.30 4.45 23.59
N ALA A 178 1.27 3.91 22.83
CA ALA A 178 2.49 4.66 22.49
C ALA A 178 2.17 5.92 21.69
N ALA A 179 1.27 5.81 20.69
CA ALA A 179 0.84 6.93 19.86
C ALA A 179 0.16 8.04 20.70
N LEU A 180 -0.54 7.67 21.77
CA LEU A 180 -1.21 8.64 22.64
C LEU A 180 -0.23 9.39 23.58
N GLN A 181 0.92 8.81 23.93
CA GLN A 181 1.85 9.46 24.87
C GLN A 181 2.48 10.73 24.34
N SER B 1 -16.74 3.94 -8.34
CA SER B 1 -16.87 2.66 -9.03
CA SER B 1 -16.87 2.66 -9.03
C SER B 1 -18.31 2.41 -9.45
N MET B 2 -18.52 1.54 -10.45
CA MET B 2 -19.85 1.23 -10.92
C MET B 2 -20.26 -0.12 -10.41
N GLU B 3 -21.55 -0.25 -10.09
CA GLU B 3 -22.12 -1.43 -9.45
C GLU B 3 -21.71 -2.76 -10.07
N MET B 4 -21.74 -2.84 -11.42
CA MET B 4 -21.37 -4.06 -12.13
CA MET B 4 -21.36 -4.03 -12.18
C MET B 4 -19.95 -4.53 -11.75
N ASP B 5 -18.98 -3.62 -11.77
CA ASP B 5 -17.60 -3.98 -11.43
C ASP B 5 -17.41 -4.24 -9.94
N GLU B 6 -18.12 -3.51 -9.10
CA GLU B 6 -18.04 -3.74 -7.64
C GLU B 6 -18.52 -5.14 -7.31
N LYS B 7 -19.64 -5.58 -7.89
CA LYS B 7 -20.18 -6.91 -7.60
C LYS B 7 -19.24 -7.99 -8.13
N ASP B 8 -18.69 -7.77 -9.34
CA ASP B 8 -17.74 -8.74 -9.93
C ASP B 8 -16.49 -8.92 -9.08
N PHE B 9 -16.11 -7.88 -8.30
CA PHE B 9 -14.92 -7.92 -7.46
C PHE B 9 -15.25 -7.82 -5.94
N ALA B 10 -16.48 -8.18 -5.55
CA ALA B 10 -16.88 -8.11 -4.14
C ALA B 10 -16.28 -9.27 -3.34
N ALA B 11 -16.07 -10.45 -3.97
CA ALA B 11 -15.55 -11.61 -3.23
C ALA B 11 -14.11 -11.41 -2.77
N ASP B 12 -13.70 -12.12 -1.70
CA ASP B 12 -12.34 -12.04 -1.19
C ASP B 12 -11.32 -12.70 -2.13
N SER B 13 -11.77 -13.56 -3.04
CA SER B 13 -10.85 -14.21 -3.96
C SER B 13 -11.55 -14.62 -5.26
N TRP B 14 -10.76 -15.04 -6.26
CA TRP B 14 -11.33 -15.59 -7.51
C TRP B 14 -12.08 -16.89 -7.17
N SER B 15 -11.53 -17.72 -6.26
CA SER B 15 -12.17 -18.98 -5.88
CA SER B 15 -12.17 -18.98 -5.88
C SER B 15 -13.54 -18.80 -5.25
N LEU B 16 -13.79 -17.63 -4.64
CA LEU B 16 -15.12 -17.35 -4.05
C LEU B 16 -16.00 -16.50 -5.03
N ALA B 17 -15.39 -15.86 -6.06
CA ALA B 17 -16.13 -15.07 -7.06
C ALA B 17 -16.85 -15.98 -8.08
N VAL B 18 -16.19 -17.07 -8.53
CA VAL B 18 -16.78 -17.97 -9.53
C VAL B 18 -17.76 -18.97 -8.91
N ASP B 19 -18.62 -19.62 -9.72
CA ASP B 19 -19.53 -20.66 -9.19
C ASP B 19 -18.68 -21.83 -8.70
N SER B 20 -19.11 -22.51 -7.62
CA SER B 20 -18.31 -23.64 -7.10
C SER B 20 -18.20 -24.79 -8.10
N SER B 21 -19.24 -25.00 -8.94
CA SER B 21 -19.19 -26.04 -9.97
C SER B 21 -18.18 -25.70 -11.09
N PHE B 22 -17.85 -24.41 -11.28
CA PHE B 22 -16.84 -24.00 -12.25
C PHE B 22 -15.45 -24.16 -11.61
N LEU B 23 -15.30 -23.74 -10.34
CA LEU B 23 -14.04 -23.84 -9.57
C LEU B 23 -13.56 -25.31 -9.57
N GLN B 24 -14.49 -26.25 -9.32
CA GLN B 24 -14.18 -27.68 -9.25
C GLN B 24 -13.59 -28.25 -10.52
N GLN B 25 -13.79 -27.58 -11.66
CA GLN B 25 -13.26 -28.07 -12.93
C GLN B 25 -11.79 -27.74 -13.15
N HIS B 26 -11.15 -26.96 -12.25
CA HIS B 26 -9.77 -26.53 -12.46
C HIS B 26 -8.77 -27.10 -11.47
N LYS B 27 -7.52 -27.21 -11.93
CA LYS B 27 -6.43 -27.65 -11.07
C LYS B 27 -6.11 -26.56 -10.05
N LYS B 28 -5.54 -26.99 -8.91
CA LYS B 28 -5.14 -26.11 -7.82
C LYS B 28 -4.19 -25.01 -8.31
N GLU B 29 -3.24 -25.35 -9.20
CA GLU B 29 -2.30 -24.33 -9.71
C GLU B 29 -2.99 -23.19 -10.46
N VAL B 30 -4.05 -23.53 -11.23
CA VAL B 30 -4.83 -22.55 -11.99
C VAL B 30 -5.59 -21.66 -11.03
N MET B 31 -6.21 -22.24 -10.00
CA MET B 31 -6.89 -21.46 -8.98
C MET B 31 -5.90 -20.46 -8.29
N LYS B 32 -4.67 -20.92 -7.94
CA LYS B 32 -3.72 -20.04 -7.26
C LYS B 32 -3.32 -18.88 -8.19
N GLN B 33 -3.07 -19.18 -9.48
CA GLN B 33 -2.74 -18.11 -10.43
C GLN B 33 -3.94 -17.12 -10.54
N GLN B 34 -5.17 -17.64 -10.73
CA GLN B 34 -6.34 -16.76 -10.89
C GLN B 34 -6.63 -15.91 -9.66
N ASP B 35 -6.41 -16.43 -8.45
CA ASP B 35 -6.62 -15.65 -7.22
C ASP B 35 -5.70 -14.40 -7.21
N VAL B 36 -4.44 -14.54 -7.69
CA VAL B 36 -3.53 -13.37 -7.68
C VAL B 36 -3.87 -12.37 -8.80
N ILE B 37 -4.31 -12.88 -9.97
CA ILE B 37 -4.74 -12.00 -11.07
C ILE B 37 -5.98 -11.22 -10.61
N TYR B 38 -6.90 -11.88 -9.93
CA TYR B 38 -8.12 -11.25 -9.40
C TYR B 38 -7.72 -10.11 -8.39
N GLU B 39 -6.73 -10.38 -7.53
CA GLU B 39 -6.28 -9.36 -6.57
C GLU B 39 -5.67 -8.15 -7.29
N LEU B 40 -4.91 -8.37 -8.38
CA LEU B 40 -4.35 -7.26 -9.15
C LEU B 40 -5.51 -6.39 -9.72
N ILE B 41 -6.52 -7.04 -10.33
CA ILE B 41 -7.62 -6.27 -10.93
C ILE B 41 -8.46 -5.59 -9.85
N GLN B 42 -8.80 -6.30 -8.78
CA GLN B 42 -9.58 -5.75 -7.66
C GLN B 42 -8.87 -4.50 -7.05
N THR B 43 -7.54 -4.60 -6.80
CA THR B 43 -6.81 -3.43 -6.23
C THR B 43 -6.67 -2.30 -7.27
N GLU B 44 -6.65 -2.63 -8.58
CA GLU B 44 -6.64 -1.59 -9.62
C GLU B 44 -7.99 -0.85 -9.65
N LEU B 45 -9.11 -1.59 -9.52
CA LEU B 45 -10.45 -0.97 -9.44
C LEU B 45 -10.53 -0.01 -8.23
N HIS B 46 -10.01 -0.45 -7.07
CA HIS B 46 -9.98 0.40 -5.87
C HIS B 46 -9.10 1.65 -6.05
N HIS B 47 -7.97 1.49 -6.74
CA HIS B 47 -7.02 2.58 -6.99
C HIS B 47 -7.67 3.63 -7.92
N VAL B 48 -8.36 3.17 -8.99
CA VAL B 48 -9.08 4.09 -9.86
C VAL B 48 -10.19 4.81 -9.05
N ARG B 49 -10.86 4.09 -8.14
CA ARG B 49 -11.88 4.70 -7.28
C ARG B 49 -11.26 5.81 -6.37
N THR B 50 -10.06 5.56 -5.79
CA THR B 50 -9.33 6.55 -4.97
C THR B 50 -9.08 7.83 -5.83
N LEU B 51 -8.67 7.63 -7.10
CA LEU B 51 -8.43 8.78 -7.99
C LEU B 51 -9.74 9.53 -8.28
N LYS B 52 -10.86 8.80 -8.44
CA LYS B 52 -12.18 9.46 -8.66
C LYS B 52 -12.64 10.24 -7.42
N ILE B 53 -12.35 9.72 -6.20
CA ILE B 53 -12.65 10.50 -4.98
C ILE B 53 -11.86 11.83 -5.00
N MET B 54 -10.59 11.75 -5.37
CA MET B 54 -9.74 12.95 -5.47
C MET B 54 -10.24 13.94 -6.53
N THR B 55 -10.57 13.46 -7.73
CA THR B 55 -11.00 14.39 -8.80
C THR B 55 -12.43 14.90 -8.62
N ARG B 56 -13.40 13.99 -8.41
CA ARG B 56 -14.82 14.37 -8.37
C ARG B 56 -15.30 14.84 -7.03
N LEU B 57 -14.91 14.16 -5.94
CA LEU B 57 -15.42 14.56 -4.63
C LEU B 57 -14.65 15.75 -4.07
N PHE B 58 -13.32 15.61 -3.93
CA PHE B 58 -12.54 16.69 -3.34
C PHE B 58 -12.25 17.86 -4.29
N ARG B 59 -11.47 17.63 -5.36
CA ARG B 59 -11.06 18.69 -6.28
C ARG B 59 -12.23 19.51 -6.83
N THR B 60 -13.18 18.86 -7.51
CA THR B 60 -14.32 19.53 -8.11
C THR B 60 -15.22 20.16 -7.04
N GLY B 61 -15.39 19.46 -5.91
CA GLY B 61 -16.19 19.99 -4.80
C GLY B 61 -15.63 21.28 -4.25
N MET B 62 -14.29 21.39 -4.18
CA MET B 62 -13.64 22.60 -3.70
C MET B 62 -13.82 23.74 -4.70
N LEU B 63 -13.70 23.44 -6.01
CA LEU B 63 -13.88 24.46 -7.05
C LEU B 63 -15.32 24.98 -7.09
N GLU B 64 -16.30 24.09 -6.84
CA GLU B 64 -17.70 24.48 -6.90
C GLU B 64 -18.32 25.07 -5.63
N GLU B 65 -17.77 24.75 -4.44
N GLU B 65 -18.09 24.46 -4.48
CA GLU B 65 -18.26 25.26 -3.15
CA GLU B 65 -18.74 24.88 -3.25
C GLU B 65 -17.36 26.31 -2.47
C GLU B 65 -17.97 25.92 -2.47
N LEU B 66 -16.03 26.26 -2.66
N LEU B 66 -16.64 25.84 -2.52
CA LEU B 66 -15.13 27.18 -1.94
CA LEU B 66 -15.80 26.82 -1.82
C LEU B 66 -14.52 28.32 -2.80
C LEU B 66 -15.29 27.93 -2.73
N HIS B 67 -14.02 29.36 -2.11
N HIS B 67 -15.31 27.71 -4.06
CA HIS B 67 -13.41 30.53 -2.73
CA HIS B 67 -14.80 28.64 -5.06
C HIS B 67 -11.89 30.48 -2.50
C HIS B 67 -13.34 28.98 -4.79
N LEU B 68 -11.25 29.34 -2.86
N LEU B 68 -12.56 27.96 -4.40
CA LEU B 68 -9.81 29.21 -2.67
CA LEU B 68 -11.14 28.11 -4.10
C LEU B 68 -9.02 30.02 -3.68
C LEU B 68 -10.36 28.40 -5.38
N GLU B 69 -7.86 30.54 -3.26
N GLU B 69 -9.24 29.11 -5.25
CA GLU B 69 -6.98 31.33 -4.12
CA GLU B 69 -8.37 29.47 -6.37
C GLU B 69 -6.52 30.50 -5.33
C GLU B 69 -7.85 28.21 -7.06
N PRO B 70 -6.42 31.09 -6.52
N PRO B 70 -7.95 28.15 -8.40
CA PRO B 70 -5.98 30.32 -7.70
CA PRO B 70 -7.48 26.96 -9.12
C PRO B 70 -4.64 29.61 -7.49
C PRO B 70 -6.06 26.51 -8.79
N GLY B 71 -4.52 28.39 -7.99
N GLY B 71 -5.14 27.45 -8.63
CA GLY B 71 -3.32 27.58 -7.84
CA GLY B 71 -3.76 27.14 -8.29
C GLY B 71 -3.26 26.78 -6.55
C GLY B 71 -3.61 26.48 -6.93
N VAL B 72 -4.28 26.89 -5.69
N VAL B 72 -4.45 26.86 -5.96
CA VAL B 72 -4.33 26.15 -4.45
CA VAL B 72 -4.42 26.27 -4.62
C VAL B 72 -4.89 24.73 -4.67
C VAL B 72 -4.91 24.82 -4.70
N VAL B 73 -6.00 24.59 -5.41
CA VAL B 73 -6.58 23.26 -5.66
C VAL B 73 -5.59 22.35 -6.43
N GLN B 74 -4.85 22.93 -7.39
CA GLN B 74 -3.83 22.21 -8.16
CA GLN B 74 -3.83 22.23 -8.16
C GLN B 74 -2.70 21.73 -7.24
N GLY B 75 -2.32 22.56 -6.26
CA GLY B 75 -1.29 22.22 -5.27
C GLY B 75 -1.71 21.08 -4.34
N LEU B 76 -3.02 21.00 -4.02
CA LEU B 76 -3.55 19.94 -3.15
C LEU B 76 -3.62 18.62 -3.90
N PHE B 77 -4.00 18.67 -5.21
CA PHE B 77 -4.19 17.46 -6.04
C PHE B 77 -3.34 17.48 -7.31
N PRO B 78 -2.00 17.45 -7.21
CA PRO B 78 -1.18 17.50 -8.43
C PRO B 78 -1.40 16.29 -9.34
N CYS B 79 -1.48 16.50 -10.68
CA CYS B 79 -1.52 15.42 -11.69
C CYS B 79 -2.70 14.48 -11.60
N VAL B 80 -3.74 14.78 -10.80
CA VAL B 80 -4.84 13.84 -10.61
CA VAL B 80 -4.81 13.82 -10.60
C VAL B 80 -5.56 13.49 -11.92
N ASP B 81 -5.74 14.46 -12.83
CA ASP B 81 -6.40 14.13 -14.11
C ASP B 81 -5.53 13.16 -14.96
N GLU B 82 -4.22 13.39 -15.03
CA GLU B 82 -3.33 12.52 -15.81
CA GLU B 82 -3.35 12.52 -15.82
C GLU B 82 -3.29 11.12 -15.22
N LEU B 83 -3.19 11.04 -13.87
CA LEU B 83 -3.17 9.76 -13.16
C LEU B 83 -4.48 9.01 -13.42
N SER B 84 -5.60 9.74 -13.37
CA SER B 84 -6.92 9.14 -13.63
C SER B 84 -6.97 8.56 -15.04
N ASP B 85 -6.42 9.28 -16.04
CA ASP B 85 -6.42 8.81 -17.43
C ASP B 85 -5.58 7.54 -17.60
N ILE B 86 -4.39 7.53 -17.01
CA ILE B 86 -3.51 6.36 -17.10
C ILE B 86 -4.20 5.10 -16.53
N HIS B 87 -4.70 5.19 -15.28
CA HIS B 87 -5.21 4.03 -14.58
C HIS B 87 -6.60 3.62 -15.05
N THR B 88 -7.44 4.58 -15.49
CA THR B 88 -8.78 4.19 -16.01
C THR B 88 -8.59 3.41 -17.32
N ARG B 89 -7.63 3.83 -18.18
CA ARG B 89 -7.36 3.09 -19.40
C ARG B 89 -6.81 1.70 -19.08
N PHE B 90 -5.87 1.60 -18.13
CA PHE B 90 -5.28 0.31 -17.77
C PHE B 90 -6.39 -0.61 -17.20
N LEU B 91 -7.22 -0.07 -16.31
CA LEU B 91 -8.34 -0.82 -15.71
C LEU B 91 -9.30 -1.30 -16.84
N SER B 92 -9.57 -0.43 -17.81
CA SER B 92 -10.45 -0.79 -18.94
CA SER B 92 -10.46 -0.79 -18.93
C SER B 92 -9.92 -2.02 -19.67
N GLN B 93 -8.62 -2.08 -19.92
CA GLN B 93 -8.01 -3.24 -20.59
C GLN B 93 -8.06 -4.51 -19.74
N LEU B 94 -7.81 -4.40 -18.42
CA LEU B 94 -7.87 -5.56 -17.53
C LEU B 94 -9.32 -6.13 -17.49
N LEU B 95 -10.32 -5.24 -17.35
CA LEU B 95 -11.71 -5.67 -17.29
C LEU B 95 -12.19 -6.24 -18.64
N GLU B 96 -11.67 -5.71 -19.76
CA GLU B 96 -12.05 -6.26 -21.09
C GLU B 96 -11.43 -7.68 -21.27
N ARG B 97 -10.23 -7.90 -20.76
CA ARG B 97 -9.57 -9.22 -20.84
C ARG B 97 -10.42 -10.26 -20.06
N ARG B 98 -10.89 -9.87 -18.85
CA ARG B 98 -11.77 -10.71 -18.03
C ARG B 98 -13.09 -10.95 -18.78
N ARG B 99 -13.70 -9.89 -19.30
CA ARG B 99 -14.99 -9.98 -19.99
C ARG B 99 -14.93 -10.93 -21.20
N GLN B 100 -13.91 -10.81 -22.06
CA GLN B 100 -13.75 -11.73 -23.20
C GLN B 100 -13.55 -13.18 -22.73
N ALA B 101 -12.97 -13.39 -21.54
CA ALA B 101 -12.73 -14.76 -21.04
C ALA B 101 -13.97 -15.42 -20.41
N LEU B 102 -15.09 -14.66 -20.23
CA LEU B 102 -16.28 -15.25 -19.59
C LEU B 102 -16.86 -16.41 -20.39
N CYS B 103 -17.35 -17.44 -19.70
CA CYS B 103 -18.06 -18.52 -20.39
C CYS B 103 -19.39 -17.99 -20.87
N PRO B 104 -19.88 -18.41 -22.05
CA PRO B 104 -21.24 -18.03 -22.46
C PRO B 104 -22.28 -18.46 -21.42
N GLY B 105 -23.22 -17.57 -21.14
CA GLY B 105 -24.26 -17.81 -20.14
C GLY B 105 -23.79 -17.47 -18.72
N SER B 106 -22.58 -16.90 -18.57
CA SER B 106 -22.10 -16.55 -17.24
C SER B 106 -21.61 -15.12 -17.19
N THR B 107 -21.83 -14.41 -16.06
CA THR B 107 -21.21 -13.10 -15.88
C THR B 107 -20.12 -13.20 -14.80
N ARG B 108 -19.73 -14.43 -14.33
CA ARG B 108 -18.69 -14.53 -13.30
C ARG B 108 -17.63 -15.59 -13.51
N ASN B 109 -17.89 -16.60 -14.35
CA ASN B 109 -16.94 -17.69 -14.59
C ASN B 109 -15.98 -17.39 -15.77
N PHE B 110 -14.69 -17.23 -15.45
CA PHE B 110 -13.65 -16.94 -16.44
C PHE B 110 -12.29 -17.42 -15.91
N VAL B 111 -11.34 -17.57 -16.83
CA VAL B 111 -9.96 -17.85 -16.51
C VAL B 111 -9.13 -16.94 -17.46
N ILE B 112 -8.22 -16.13 -16.91
CA ILE B 112 -7.35 -15.28 -17.73
C ILE B 112 -6.01 -16.03 -17.86
N HIS B 113 -5.73 -16.50 -19.07
CA HIS B 113 -4.49 -17.25 -19.35
C HIS B 113 -3.35 -16.36 -19.86
N ARG B 114 -3.65 -15.15 -20.44
N ARG B 114 -3.72 -15.25 -20.47
CA ARG B 114 -2.64 -14.31 -21.13
CA ARG B 114 -2.78 -14.32 -21.05
C ARG B 114 -2.42 -12.86 -20.62
C ARG B 114 -2.99 -12.99 -20.37
N LEU B 115 -2.26 -12.70 -19.32
N LEU B 115 -2.09 -12.66 -19.46
CA LEU B 115 -2.05 -11.39 -18.73
CA LEU B 115 -2.04 -11.38 -18.76
C LEU B 115 -0.69 -10.71 -19.08
C LEU B 115 -0.69 -10.70 -19.08
N GLY B 116 0.37 -11.50 -19.22
CA GLY B 116 1.70 -10.98 -19.49
C GLY B 116 1.82 -9.96 -20.60
N ASP B 117 1.14 -10.22 -21.73
CA ASP B 117 1.18 -9.33 -22.88
CA ASP B 117 1.17 -9.34 -22.89
C ASP B 117 0.57 -7.98 -22.59
N LEU B 118 -0.52 -7.95 -21.82
CA LEU B 118 -1.20 -6.70 -21.43
C LEU B 118 -0.24 -5.91 -20.50
N LEU B 119 0.43 -6.61 -19.56
CA LEU B 119 1.37 -5.94 -18.65
C LEU B 119 2.59 -5.38 -19.38
N ILE B 120 3.12 -6.11 -20.39
CA ILE B 120 4.26 -5.58 -21.19
C ILE B 120 3.82 -4.31 -21.91
N SER B 121 2.61 -4.31 -22.51
CA SER B 121 2.10 -3.15 -23.22
CA SER B 121 2.08 -3.15 -23.22
C SER B 121 1.96 -1.94 -22.26
N GLN B 122 1.35 -2.15 -21.09
CA GLN B 122 1.19 -1.06 -20.13
C GLN B 122 2.54 -0.48 -19.64
N PHE B 123 3.54 -1.33 -19.38
CA PHE B 123 4.82 -0.90 -18.83
C PHE B 123 5.97 -0.75 -19.88
N SER B 124 5.61 -0.49 -21.14
CA SER B 124 6.57 -0.20 -22.21
C SER B 124 6.01 0.94 -23.11
N GLY B 125 6.86 1.50 -23.96
CA GLY B 125 6.49 2.54 -24.90
C GLY B 125 5.97 3.83 -24.28
N PRO B 126 5.13 4.56 -25.05
CA PRO B 126 4.60 5.83 -24.56
C PRO B 126 3.82 5.76 -23.25
N SER B 127 3.05 4.68 -23.01
CA SER B 127 2.29 4.61 -21.76
C SER B 127 3.28 4.53 -20.56
N ALA B 128 4.41 3.81 -20.71
CA ALA B 128 5.40 3.75 -19.60
C ALA B 128 6.07 5.12 -19.41
N GLU B 129 6.38 5.84 -20.50
CA GLU B 129 6.99 7.17 -20.40
C GLU B 129 6.03 8.14 -19.69
N GLN B 130 4.73 8.04 -20.00
CA GLN B 130 3.73 8.88 -19.36
CA GLN B 130 3.70 8.85 -19.37
C GLN B 130 3.63 8.54 -17.87
N MET B 131 3.66 7.23 -17.51
CA MET B 131 3.61 6.85 -16.09
C MET B 131 4.83 7.39 -15.34
N CYS B 132 6.03 7.25 -15.95
CA CYS B 132 7.29 7.72 -15.36
C CYS B 132 7.22 9.23 -15.13
N LYS B 133 6.83 9.98 -16.14
CA LYS B 133 6.77 11.44 -16.03
C LYS B 133 5.74 11.90 -14.99
N THR B 134 4.56 11.27 -15.00
CA THR B 134 3.47 11.64 -14.10
C THR B 134 3.80 11.31 -12.64
N TYR B 135 4.33 10.10 -12.35
CA TYR B 135 4.67 9.72 -10.96
C TYR B 135 5.89 10.50 -10.44
N SER B 136 6.83 10.87 -11.33
CA SER B 136 8.00 11.66 -10.90
C SER B 136 7.51 13.05 -10.41
N GLU B 137 6.52 13.63 -11.12
CA GLU B 137 5.96 14.93 -10.77
CA GLU B 137 5.98 14.92 -10.72
C GLU B 137 5.10 14.79 -9.49
N PHE B 138 4.17 13.78 -9.48
CA PHE B 138 3.27 13.55 -8.33
C PHE B 138 4.05 13.35 -7.04
N CYS B 139 4.99 12.39 -7.02
CA CYS B 139 5.74 12.07 -5.82
C CYS B 139 6.67 13.21 -5.37
N SER B 140 7.14 14.06 -6.31
CA SER B 140 7.93 15.23 -5.95
C SER B 140 7.05 16.34 -5.31
N ARG B 141 5.73 16.30 -5.58
CA ARG B 141 4.82 17.31 -5.03
C ARG B 141 3.99 16.84 -3.83
N HIS B 142 4.22 15.58 -3.40
CA HIS B 142 3.49 14.89 -2.34
C HIS B 142 3.60 15.66 -1.01
N SER B 143 4.83 15.97 -0.55
CA SER B 143 5.01 16.68 0.73
CA SER B 143 5.01 16.68 0.73
C SER B 143 4.33 18.06 0.72
N LYS B 144 4.45 18.79 -0.41
CA LYS B 144 3.87 20.11 -0.54
C LYS B 144 2.35 20.04 -0.43
N ALA B 145 1.73 19.03 -1.08
CA ALA B 145 0.29 18.84 -1.04
C ALA B 145 -0.19 18.63 0.42
N LEU B 146 0.49 17.77 1.18
CA LEU B 146 0.15 17.48 2.58
C LEU B 146 0.24 18.74 3.45
N LYS B 147 1.30 19.54 3.28
CA LYS B 147 1.48 20.76 4.07
C LYS B 147 0.44 21.81 3.71
N LEU B 148 0.09 21.93 2.41
CA LEU B 148 -0.95 22.86 1.97
C LEU B 148 -2.29 22.48 2.59
N TYR B 149 -2.59 21.16 2.61
CA TYR B 149 -3.82 20.64 3.21
C TYR B 149 -3.90 21.04 4.70
N LYS B 150 -2.82 20.75 5.45
CA LYS B 150 -2.77 21.03 6.88
C LYS B 150 -2.98 22.50 7.19
N GLU B 151 -2.39 23.38 6.37
CA GLU B 151 -2.53 24.82 6.55
CA GLU B 151 -2.54 24.82 6.55
C GLU B 151 -3.98 25.26 6.37
N LEU B 152 -4.62 24.84 5.26
CA LEU B 152 -6.00 25.20 4.96
C LEU B 152 -6.98 24.67 6.00
N TYR B 153 -6.78 23.43 6.48
CA TYR B 153 -7.69 22.83 7.46
C TYR B 153 -7.63 23.58 8.81
N ALA B 154 -6.45 24.07 9.18
CA ALA B 154 -6.28 24.73 10.46
C ALA B 154 -6.66 26.22 10.47
N ARG B 155 -6.66 26.86 9.30
CA ARG B 155 -6.92 28.30 9.24
CA ARG B 155 -6.88 28.31 9.18
C ARG B 155 -8.22 28.71 8.55
N ASP B 156 -8.81 27.83 7.71
CA ASP B 156 -10.04 28.13 6.99
C ASP B 156 -11.26 27.33 7.47
N LYS B 157 -12.24 28.04 8.08
CA LYS B 157 -13.48 27.45 8.61
C LYS B 157 -14.32 26.80 7.52
N ARG B 158 -14.55 27.49 6.39
CA ARG B 158 -15.35 26.94 5.30
C ARG B 158 -14.67 25.68 4.73
N PHE B 159 -13.33 25.66 4.67
CA PHE B 159 -12.58 24.48 4.18
C PHE B 159 -12.75 23.29 5.15
N GLN B 160 -12.63 23.54 6.46
CA GLN B 160 -12.79 22.54 7.50
C GLN B 160 -14.21 21.95 7.46
N GLN B 161 -15.24 22.81 7.34
CA GLN B 161 -16.62 22.33 7.24
C GLN B 161 -16.83 21.46 5.99
N PHE B 162 -16.22 21.85 4.87
CA PHE B 162 -16.29 21.10 3.61
C PHE B 162 -15.65 19.71 3.80
N ILE B 163 -14.44 19.64 4.35
CA ILE B 163 -13.77 18.35 4.56
C ILE B 163 -14.56 17.46 5.51
N ARG B 164 -15.01 18.03 6.65
CA ARG B 164 -15.77 17.25 7.62
C ARG B 164 -17.09 16.74 7.01
N LYS B 165 -17.70 17.52 6.12
CA LYS B 165 -18.95 17.14 5.45
C LYS B 165 -18.76 15.99 4.44
N VAL B 166 -17.81 16.15 3.49
CA VAL B 166 -17.62 15.18 2.43
C VAL B 166 -16.93 13.89 2.89
N THR B 167 -16.18 13.94 4.01
CA THR B 167 -15.56 12.74 4.55
C THR B 167 -16.39 12.06 5.66
N ARG B 168 -17.56 12.61 6.02
CA ARG B 168 -18.38 12.01 7.08
C ARG B 168 -18.91 10.58 6.80
N PRO B 169 -19.33 10.23 5.56
CA PRO B 169 -19.85 8.86 5.31
C PRO B 169 -18.87 7.76 5.68
N ALA B 170 -19.39 6.65 6.27
CA ALA B 170 -18.53 5.53 6.63
C ALA B 170 -17.70 4.97 5.45
N VAL B 171 -18.23 5.00 4.21
CA VAL B 171 -17.48 4.50 3.05
C VAL B 171 -16.21 5.32 2.76
N LEU B 172 -16.08 6.54 3.32
CA LEU B 172 -14.90 7.39 3.14
C LEU B 172 -13.89 7.28 4.32
N LYS B 173 -14.10 6.34 5.24
CA LYS B 173 -13.26 6.23 6.44
C LYS B 173 -11.75 6.17 6.15
N ARG B 174 -11.34 5.45 5.13
CA ARG B 174 -9.91 5.29 4.76
C ARG B 174 -9.47 6.30 3.71
N HIS B 175 -10.34 7.23 3.28
CA HIS B 175 -10.07 8.06 2.12
C HIS B 175 -10.14 9.55 2.38
N GLY B 176 -9.53 10.02 3.47
CA GLY B 176 -9.34 11.46 3.63
C GLY B 176 -8.32 11.96 2.59
N VAL B 177 -8.15 13.28 2.46
CA VAL B 177 -7.22 13.87 1.48
C VAL B 177 -5.79 13.30 1.60
N GLN B 178 -5.21 13.34 2.80
CA GLN B 178 -3.84 12.86 2.99
C GLN B 178 -3.75 11.33 2.71
N GLU B 179 -4.74 10.58 3.12
CA GLU B 179 -4.80 9.13 2.91
C GLU B 179 -4.83 8.83 1.39
N CYS B 180 -5.62 9.58 0.60
CA CYS B 180 -5.66 9.39 -0.86
C CYS B 180 -4.28 9.62 -1.47
N ILE B 181 -3.57 10.71 -1.03
CA ILE B 181 -2.26 11.00 -1.60
C ILE B 181 -1.28 9.85 -1.36
N LEU B 182 -1.22 9.32 -0.10
CA LEU B 182 -0.31 8.21 0.15
C LEU B 182 -0.74 6.91 -0.55
N LEU B 183 -2.06 6.67 -0.66
CA LEU B 183 -2.54 5.48 -1.42
C LEU B 183 -2.05 5.51 -2.88
N VAL B 184 -2.05 6.69 -3.48
CA VAL B 184 -1.59 6.85 -4.88
C VAL B 184 -0.08 6.65 -4.94
N THR B 185 0.68 7.33 -4.06
CA THR B 185 2.13 7.16 -4.05
C THR B 185 2.56 5.68 -3.86
N GLN B 186 1.84 4.94 -2.99
CA GLN B 186 2.16 3.54 -2.72
C GLN B 186 1.71 2.56 -3.81
N ARG B 187 0.77 3.00 -4.67
CA ARG B 187 0.26 2.06 -5.70
C ARG B 187 1.37 1.46 -6.59
N ILE B 188 2.25 2.31 -7.12
CA ILE B 188 3.26 1.81 -8.08
C ILE B 188 4.19 0.74 -7.53
N THR B 189 4.51 0.80 -6.21
CA THR B 189 5.37 -0.23 -5.62
C THR B 189 4.61 -1.52 -5.26
N LYS B 190 3.27 -1.57 -5.41
CA LYS B 190 2.56 -2.84 -5.21
C LYS B 190 2.73 -3.76 -6.45
N TYR B 191 2.88 -3.17 -7.66
CA TYR B 191 2.91 -3.94 -8.90
C TYR B 191 3.95 -5.09 -8.93
N PRO B 192 5.23 -4.88 -8.53
CA PRO B 192 6.18 -6.02 -8.59
C PRO B 192 5.79 -7.14 -7.65
N LEU B 193 5.18 -6.83 -6.49
CA LEU B 193 4.78 -7.86 -5.54
CA LEU B 193 4.78 -7.87 -5.55
C LEU B 193 3.68 -8.74 -6.17
N LEU B 194 2.67 -8.11 -6.79
CA LEU B 194 1.57 -8.83 -7.42
C LEU B 194 2.08 -9.63 -8.63
N ILE B 195 2.88 -9.00 -9.50
CA ILE B 195 3.38 -9.66 -10.72
C ILE B 195 4.27 -10.85 -10.36
N SER B 196 5.17 -10.70 -9.36
CA SER B 196 6.03 -11.80 -8.94
CA SER B 196 6.03 -11.83 -8.97
CA SER B 196 6.03 -11.80 -8.96
C SER B 196 5.20 -13.01 -8.48
N ARG B 197 4.12 -12.75 -7.73
CA ARG B 197 3.28 -13.84 -7.24
C ARG B 197 2.48 -14.49 -8.39
N ILE B 198 2.02 -13.69 -9.36
CA ILE B 198 1.32 -14.26 -10.53
C ILE B 198 2.31 -15.19 -11.31
N LEU B 199 3.53 -14.67 -11.53
CA LEU B 199 4.60 -15.39 -12.22
C LEU B 199 4.90 -16.72 -11.52
N GLN B 200 4.96 -16.74 -10.18
CA GLN B 200 5.20 -17.99 -9.44
C GLN B 200 4.20 -19.14 -9.77
N HIS B 201 2.99 -18.78 -10.23
CA HIS B 201 1.95 -19.76 -10.60
C HIS B 201 1.66 -19.78 -12.12
N SER B 202 2.59 -19.29 -12.94
CA SER B 202 2.37 -19.22 -14.39
C SER B 202 3.44 -19.96 -15.18
N HIS B 203 3.97 -21.06 -14.61
CA HIS B 203 5.01 -21.84 -15.28
C HIS B 203 4.45 -22.87 -16.31
N GLY B 204 3.15 -23.15 -16.26
CA GLY B 204 2.51 -24.13 -17.14
C GLY B 204 2.64 -23.85 -18.63
N ILE B 205 2.63 -22.56 -19.02
CA ILE B 205 2.81 -22.14 -20.42
CA ILE B 205 2.80 -22.15 -20.41
C ILE B 205 4.08 -21.32 -20.48
N GLU B 206 5.11 -21.82 -21.16
CA GLU B 206 6.40 -21.13 -21.21
C GLU B 206 6.32 -19.71 -21.80
N GLU B 207 5.50 -19.48 -22.84
CA GLU B 207 5.28 -18.12 -23.40
C GLU B 207 4.77 -17.17 -22.27
N GLU B 208 3.88 -17.67 -21.38
CA GLU B 208 3.33 -16.83 -20.31
C GLU B 208 4.37 -16.53 -19.25
N ARG B 209 5.16 -17.54 -18.83
CA ARG B 209 6.22 -17.33 -17.84
C ARG B 209 7.22 -16.29 -18.38
N GLN B 210 7.56 -16.39 -19.69
CA GLN B 210 8.48 -15.42 -20.30
C GLN B 210 7.89 -14.00 -20.33
N ASP B 211 6.62 -13.88 -20.73
CA ASP B 211 5.96 -12.57 -20.79
C ASP B 211 5.89 -11.89 -19.42
N LEU B 212 5.55 -12.64 -18.37
CA LEU B 212 5.45 -12.06 -17.03
C LEU B 212 6.84 -11.72 -16.51
N THR B 213 7.88 -12.51 -16.88
CA THR B 213 9.25 -12.17 -16.48
C THR B 213 9.67 -10.83 -17.14
N THR B 214 9.35 -10.64 -18.44
CA THR B 214 9.64 -9.39 -19.14
C THR B 214 8.87 -8.21 -18.45
N ALA B 215 7.59 -8.43 -18.13
CA ALA B 215 6.76 -7.37 -17.49
C ALA B 215 7.32 -6.97 -16.15
N LEU B 216 7.76 -7.96 -15.34
CA LEU B 216 8.33 -7.67 -14.01
C LEU B 216 9.58 -6.79 -14.15
N GLY B 217 10.41 -7.10 -15.14
CA GLY B 217 11.60 -6.32 -15.44
C GLY B 217 11.26 -4.88 -15.83
N LEU B 218 10.25 -4.69 -16.70
CA LEU B 218 9.84 -3.35 -17.11
C LEU B 218 9.29 -2.52 -15.93
N VAL B 219 8.50 -3.15 -15.05
CA VAL B 219 7.92 -2.46 -13.89
C VAL B 219 9.05 -1.98 -12.97
N LYS B 220 10.02 -2.85 -12.70
CA LYS B 220 11.16 -2.49 -11.87
C LYS B 220 11.99 -1.35 -12.50
N GLU B 221 12.14 -1.33 -13.85
CA GLU B 221 12.87 -0.25 -14.53
CA GLU B 221 12.87 -0.25 -14.54
C GLU B 221 12.11 1.06 -14.36
N LEU B 222 10.77 1.02 -14.46
CA LEU B 222 9.93 2.22 -14.31
C LEU B 222 10.12 2.76 -12.87
N LEU B 223 10.02 1.86 -11.86
CA LEU B 223 10.15 2.27 -10.47
C LEU B 223 11.52 2.87 -10.16
N SER B 224 12.59 2.27 -10.72
CA SER B 224 13.93 2.81 -10.49
CA SER B 224 13.93 2.78 -10.52
C SER B 224 14.05 4.21 -11.08
N ASN B 225 13.45 4.45 -12.27
CA ASN B 225 13.48 5.76 -12.92
C ASN B 225 12.67 6.78 -12.13
N VAL B 226 11.46 6.42 -11.64
CA VAL B 226 10.67 7.35 -10.85
C VAL B 226 11.43 7.73 -9.56
N ASP B 227 12.00 6.70 -8.87
CA ASP B 227 12.72 6.90 -7.61
C ASP B 227 13.90 7.87 -7.82
N GLU B 228 14.60 7.74 -8.98
CA GLU B 228 15.72 8.61 -9.31
C GLU B 228 15.30 10.05 -9.69
N GLY B 229 14.06 10.23 -10.13
CA GLY B 229 13.58 11.53 -10.56
C GLY B 229 12.83 12.32 -9.53
N ILE B 230 12.82 11.86 -8.28
CA ILE B 230 12.10 12.55 -7.20
C ILE B 230 13.02 13.51 -6.41
N TYR B 231 12.51 14.72 -6.16
CA TYR B 231 13.12 15.69 -5.26
C TYR B 231 11.93 16.49 -4.69
N GLN B 232 11.69 16.43 -3.35
CA GLN B 232 10.54 17.10 -2.78
C GLN B 232 10.57 18.60 -2.95
N LEU B 233 9.50 19.13 -3.50
CA LEU B 233 9.33 20.56 -3.62
C LEU B 233 8.89 21.08 -2.25
N GLU B 234 9.33 22.29 -1.91
CA GLU B 234 8.91 22.90 -0.66
C GLU B 234 8.44 24.30 -0.97
N LYS B 235 7.21 24.65 -0.55
CA LYS B 235 6.70 26.01 -0.80
C LYS B 235 7.57 27.04 -0.08
N GLY B 236 8.08 28.01 -0.83
CA GLY B 236 8.92 29.05 -0.25
C GLY B 236 10.39 28.69 -0.12
N ALA B 237 10.82 27.61 -0.80
CA ALA B 237 12.23 27.21 -0.75
C ALA B 237 13.04 28.18 -1.63
N ARG B 238 14.23 28.54 -1.17
CA ARG B 238 15.08 29.47 -1.92
C ARG B 238 16.05 28.72 -2.84
N LEU B 239 16.51 29.40 -3.89
CA LEU B 239 17.45 28.85 -4.87
C LEU B 239 18.73 28.33 -4.20
N GLN B 240 19.24 29.08 -3.21
CA GLN B 240 20.44 28.68 -2.47
C GLN B 240 20.25 27.31 -1.79
N GLU B 241 19.09 27.11 -1.12
CA GLU B 241 18.81 25.82 -0.48
C GLU B 241 18.76 24.70 -1.52
N ILE B 242 18.20 24.98 -2.71
CA ILE B 242 18.08 24.00 -3.78
C ILE B 242 19.44 23.58 -4.34
N TYR B 243 20.26 24.55 -4.84
CA TYR B 243 21.55 24.19 -5.42
C TYR B 243 22.61 23.77 -4.39
N ASN B 244 22.29 23.77 -3.09
CA ASN B 244 23.26 23.31 -2.07
C ASN B 244 22.91 21.89 -1.64
#